data_7NS8
#
_entry.id   7NS8
#
_cell.length_a   57.660
_cell.length_b   57.660
_cell.length_c   139.150
_cell.angle_alpha   90.000
_cell.angle_beta   90.000
_cell.angle_gamma   90.000
#
_symmetry.space_group_name_H-M   'P 41 21 2'
#
loop_
_entity.id
_entity.type
_entity.pdbx_description
1 polymer 'Triphosphate tunnel metalloenzyme Saci_0718'
2 non-polymer '3-CYCLOHEXYL-1-PROPYLSULFONIC ACID'
3 non-polymer 'SULFATE ION'
4 water water
#
_entity_poly.entity_id   1
_entity_poly.type   'polypeptide(L)'
_entity_poly.pdbx_seq_one_letter_code
;MGSYIEREIKLRVISPSLEEIEERIRNNYTFINEEHQIDIYYNNPIRDFRKSDEALRLRNTNGKVILTYKGPKQSKETKT
REEIEVEVSDLHKMDLILRKLGFIRSFQVEKIRKNYKYADFIISLDSIKELGEFIEIEGINKTEKELISFVDEFVKKHQI
QYEKTIKSYLELLVEHAKKTNNSNTHGSIEGRHHHHHH
;
_entity_poly.pdbx_strand_id   A
#
loop_
_chem_comp.id
_chem_comp.type
_chem_comp.name
_chem_comp.formula
CXS non-polymer '3-CYCLOHEXYL-1-PROPYLSULFONIC ACID' 'C9 H19 N O3 S'
SO4 non-polymer 'SULFATE ION' 'O4 S -2'
#
# COMPACT_ATOMS: atom_id res chain seq x y z
N ARG A 7 -10.65 8.73 3.82
CA ARG A 7 -11.05 8.52 2.43
C ARG A 7 -10.85 7.06 2.04
N GLU A 8 -10.09 6.34 2.87
CA GLU A 8 -9.90 4.91 2.71
C GLU A 8 -10.02 4.24 4.08
N ILE A 9 -10.24 2.94 4.06
CA ILE A 9 -10.29 2.12 5.27
C ILE A 9 -9.43 0.89 5.04
N LYS A 10 -8.37 0.75 5.85
CA LYS A 10 -7.46 -0.39 5.77
C LYS A 10 -7.74 -1.34 6.92
N LEU A 11 -7.82 -2.63 6.61
CA LEU A 11 -8.08 -3.67 7.60
C LEU A 11 -7.04 -4.77 7.47
N ARG A 12 -6.34 -5.07 8.56
CA ARG A 12 -5.61 -6.33 8.63
C ARG A 12 -6.62 -7.46 8.75
N VAL A 13 -6.44 -8.50 7.93
CA VAL A 13 -7.40 -9.60 7.85
C VAL A 13 -6.90 -10.76 8.69
N ILE A 14 -7.66 -11.10 9.72
CA ILE A 14 -7.33 -12.27 10.54
C ILE A 14 -7.88 -13.53 9.90
N SER A 15 -9.12 -13.49 9.43
CA SER A 15 -9.77 -14.62 8.80
C SER A 15 -10.98 -14.12 8.03
N PRO A 16 -11.35 -14.78 6.91
CA PRO A 16 -10.65 -15.92 6.34
C PRO A 16 -9.46 -15.47 5.49
N SER A 17 -8.97 -16.35 4.63
CA SER A 17 -7.82 -16.01 3.78
C SER A 17 -8.21 -15.01 2.68
N LEU A 18 -7.22 -14.33 2.13
CA LEU A 18 -7.45 -13.39 1.00
C LEU A 18 -7.95 -14.23 -0.19
N GLU A 19 -7.36 -15.40 -0.40
CA GLU A 19 -7.79 -16.35 -1.46
C GLU A 19 -9.27 -16.66 -1.27
N GLU A 20 -9.68 -16.96 -0.03
CA GLU A 20 -11.09 -17.29 0.26
C GLU A 20 -11.95 -16.07 -0.04
N ILE A 21 -11.51 -14.91 0.40
CA ILE A 21 -12.29 -13.69 0.19
C ILE A 21 -12.40 -13.39 -1.31
N GLU A 22 -11.32 -13.60 -2.06
CA GLU A 22 -11.36 -13.32 -3.49
C GLU A 22 -12.36 -14.21 -4.22
N GLU A 23 -12.47 -15.47 -3.78
CA GLU A 23 -13.39 -16.44 -4.43
C GLU A 23 -14.85 -16.00 -4.24
N ARG A 24 -15.19 -15.51 -3.05
CA ARG A 24 -16.58 -15.04 -2.76
C ARG A 24 -16.96 -13.83 -3.61
N ILE A 25 -16.07 -12.84 -3.81
CA ILE A 25 -16.45 -11.59 -4.52
C ILE A 25 -16.14 -11.67 -6.01
N ARG A 26 -15.54 -12.77 -6.45
CA ARG A 26 -15.09 -12.88 -7.85
C ARG A 26 -16.25 -12.77 -8.85
N ASN A 27 -17.40 -13.37 -8.59
CA ASN A 27 -18.42 -13.29 -9.67
C ASN A 27 -19.15 -11.94 -9.68
N ASN A 28 -19.37 -11.32 -8.52
CA ASN A 28 -20.22 -10.10 -8.46
C ASN A 28 -19.39 -8.82 -8.62
N TYR A 29 -18.08 -8.93 -8.48
CA TYR A 29 -17.22 -7.76 -8.58
C TYR A 29 -16.48 -7.76 -9.90
N THR A 30 -16.07 -6.57 -10.33
CA THR A 30 -15.32 -6.39 -11.57
C THR A 30 -13.83 -6.36 -11.25
N PHE A 31 -13.09 -7.33 -11.76
CA PHE A 31 -11.64 -7.34 -11.58
C PHE A 31 -11.01 -6.20 -12.37
N ILE A 32 -10.16 -5.43 -11.70
CA ILE A 32 -9.45 -4.30 -12.37
C ILE A 32 -8.09 -4.82 -12.85
N ASN A 33 -7.16 -5.03 -11.92
CA ASN A 33 -5.83 -5.50 -12.28
C ASN A 33 -5.12 -6.03 -11.04
N GLU A 34 -4.01 -6.70 -11.28
CA GLU A 34 -3.08 -7.12 -10.24
C GLU A 34 -1.84 -6.25 -10.31
N GLU A 35 -1.31 -5.88 -9.14
CA GLU A 35 -0.17 -4.98 -9.06
C GLU A 35 0.91 -5.58 -8.19
N HIS A 36 2.14 -5.59 -8.71
CA HIS A 36 3.32 -5.97 -7.95
C HIS A 36 4.13 -4.72 -7.70
N GLN A 37 4.37 -4.42 -6.41
CA GLN A 37 4.94 -3.13 -6.03
C GLN A 37 5.98 -3.32 -4.95
N ILE A 38 7.13 -2.65 -5.12
CA ILE A 38 8.18 -2.61 -4.11
C ILE A 38 8.53 -1.16 -3.85
N ASP A 39 8.67 -0.84 -2.57
CA ASP A 39 9.01 0.53 -2.12
C ASP A 39 10.33 0.48 -1.36
N ILE A 40 11.32 1.23 -1.81
CA ILE A 40 12.60 1.31 -1.14
C ILE A 40 12.76 2.71 -0.58
N TYR A 41 12.91 2.81 0.74
CA TYR A 41 13.09 4.08 1.41
C TYR A 41 14.56 4.27 1.75
N TYR A 42 14.98 5.52 1.69
CA TYR A 42 16.40 5.86 1.91
C TYR A 42 16.58 6.86 3.05
N ASN A 43 17.80 6.94 3.56
CA ASN A 43 18.16 7.92 4.61
C ASN A 43 19.47 8.59 4.21
N ASN A 44 19.56 9.93 4.23
CA ASN A 44 20.87 10.56 3.93
C ASN A 44 21.78 10.48 5.17
N PRO A 45 23.12 10.42 5.03
CA PRO A 45 23.99 10.32 6.20
C PRO A 45 24.41 11.69 6.76
N ARG A 47 21.28 14.38 8.36
CA ARG A 47 19.86 14.76 8.13
C ARG A 47 19.01 13.50 8.10
N ASP A 48 18.91 12.83 9.26
CA ASP A 48 18.10 11.59 9.36
C ASP A 48 16.68 11.93 8.89
N PHE A 49 16.10 11.07 8.05
CA PHE A 49 14.69 11.28 7.64
C PHE A 49 13.86 11.22 8.91
N ARG A 50 14.24 10.32 9.82
CA ARG A 50 13.55 10.25 11.14
C ARG A 50 13.81 11.55 11.91
N LYS A 51 14.99 12.17 11.75
CA LYS A 51 15.16 13.43 12.49
C LYS A 51 14.29 14.52 11.86
N SER A 52 14.38 14.69 10.53
CA SER A 52 13.78 15.86 9.83
C SER A 52 12.45 15.66 9.13
N ASP A 53 11.77 14.53 9.33
CA ASP A 53 10.44 14.26 8.70
C ASP A 53 10.48 14.34 7.18
N GLU A 54 11.55 13.88 6.57
CA GLU A 54 11.60 13.87 5.08
C GLU A 54 11.60 12.42 4.61
N ALA A 55 11.46 12.20 3.31
CA ALA A 55 11.46 10.83 2.81
C ALA A 55 11.91 10.82 1.36
N LEU A 56 12.65 9.78 0.99
CA LEU A 56 13.02 9.50 -0.39
C LEU A 56 12.65 8.06 -0.69
N ARG A 57 11.83 7.84 -1.71
CA ARG A 57 11.27 6.53 -1.97
C ARG A 57 11.42 6.17 -3.45
N LEU A 58 11.96 4.98 -3.72
CA LEU A 58 12.01 4.40 -5.05
C LEU A 58 10.91 3.35 -5.14
N ARG A 59 9.93 3.60 -6.01
CA ARG A 59 8.77 2.72 -6.15
C ARG A 59 8.76 2.12 -7.55
N ASN A 60 8.56 0.81 -7.62
CA ASN A 60 8.36 0.09 -8.87
C ASN A 60 7.01 -0.60 -8.82
N THR A 61 6.10 -0.21 -9.71
CA THR A 61 4.75 -0.76 -9.76
C THR A 61 4.50 -1.33 -11.15
N ASN A 62 4.51 -2.65 -11.27
CA ASN A 62 4.27 -3.34 -12.54
C ASN A 62 5.23 -2.87 -13.63
N GLY A 63 6.46 -2.56 -13.25
CA GLY A 63 7.46 -2.11 -14.19
C GLY A 63 7.66 -0.61 -14.26
N LYS A 64 6.73 0.18 -13.70
CA LYS A 64 6.84 1.63 -13.74
C LYS A 64 7.57 2.10 -12.48
N VAL A 65 8.75 2.69 -12.68
CA VAL A 65 9.63 3.08 -11.58
C VAL A 65 9.54 4.59 -11.40
N ILE A 66 9.28 5.02 -10.17
CA ILE A 66 9.21 6.44 -9.83
C ILE A 66 10.06 6.71 -8.60
N LEU A 67 10.76 7.83 -8.60
CA LEU A 67 11.47 8.34 -7.44
C LEU A 67 10.71 9.54 -6.90
N THR A 68 10.50 9.56 -5.58
CA THR A 68 9.66 10.57 -4.96
C THR A 68 10.36 11.15 -3.74
N TYR A 69 10.45 12.48 -3.69
CA TYR A 69 10.86 13.18 -2.48
C TYR A 69 9.60 13.62 -1.74
N LYS A 70 9.59 13.41 -0.43
CA LYS A 70 8.50 13.84 0.44
C LYS A 70 9.03 14.86 1.42
N GLY A 71 8.36 16.01 1.52
CA GLY A 71 8.75 17.05 2.44
C GLY A 71 8.05 16.92 3.78
N PRO A 72 8.28 17.90 4.66
CA PRO A 72 7.63 17.86 5.98
C PRO A 72 6.12 18.00 5.87
N LYS A 73 5.46 17.76 7.00
CA LYS A 73 4.02 17.95 7.11
C LYS A 73 3.67 19.34 7.61
N GLU A 82 4.40 18.14 0.78
CA GLU A 82 5.02 18.39 -0.52
C GLU A 82 5.63 17.12 -1.09
N GLU A 83 5.38 16.87 -2.38
CA GLU A 83 5.91 15.69 -3.05
C GLU A 83 6.40 16.06 -4.45
N ILE A 84 7.56 15.54 -4.81
CA ILE A 84 8.18 15.74 -6.14
C ILE A 84 8.51 14.37 -6.69
N GLU A 85 8.03 14.11 -7.88
CA GLU A 85 8.15 12.76 -8.44
C GLU A 85 8.72 12.81 -9.83
N VAL A 86 9.60 11.87 -10.14
CA VAL A 86 10.13 11.72 -11.51
C VAL A 86 10.03 10.23 -11.84
N GLU A 87 9.69 9.92 -13.10
CA GLU A 87 9.70 8.52 -13.57
C GLU A 87 11.16 8.16 -13.88
N VAL A 88 11.54 6.91 -13.60
CA VAL A 88 12.91 6.43 -13.75
C VAL A 88 12.90 5.16 -14.59
N SER A 89 13.94 4.99 -15.41
CA SER A 89 13.98 3.89 -16.36
C SER A 89 14.34 2.55 -15.72
N ASP A 90 15.02 2.55 -14.58
CA ASP A 90 15.52 1.30 -14.00
C ASP A 90 15.66 1.48 -12.49
N LEU A 91 15.00 0.60 -11.72
CA LEU A 91 15.04 0.73 -10.27
C LEU A 91 16.42 0.39 -9.72
N HIS A 92 17.04 -0.68 -10.23
CA HIS A 92 18.32 -1.12 -9.67
C HIS A 92 19.41 -0.09 -9.91
N LYS A 93 19.43 0.52 -11.10
CA LYS A 93 20.46 1.51 -11.39
C LYS A 93 20.25 2.79 -10.58
N MET A 94 18.99 3.20 -10.38
CA MET A 94 18.72 4.36 -9.54
C MET A 94 19.09 4.08 -8.09
N ASP A 95 18.78 2.87 -7.61
CA ASP A 95 19.21 2.48 -6.26
C ASP A 95 20.73 2.48 -6.15
N LEU A 96 21.42 2.01 -7.20
CA LEU A 96 22.88 2.01 -7.18
C LEU A 96 23.43 3.43 -7.18
N ILE A 97 22.82 4.34 -7.95
CA ILE A 97 23.27 5.72 -7.97
C ILE A 97 23.07 6.37 -6.60
N LEU A 98 21.91 6.12 -5.97
CA LEU A 98 21.65 6.70 -4.67
C LEU A 98 22.64 6.21 -3.62
N ARG A 99 23.01 4.94 -3.72
CA ARG A 99 23.95 4.33 -2.74
C ARG A 99 25.35 4.90 -2.98
N LYS A 100 25.75 5.08 -4.23
CA LYS A 100 27.05 5.66 -4.53
C LYS A 100 27.18 7.11 -4.06
N LEU A 101 26.05 7.80 -3.87
CA LEU A 101 26.04 9.18 -3.43
C LEU A 101 26.05 9.33 -1.91
N GLY A 102 25.93 8.23 -1.17
CA GLY A 102 25.96 8.25 0.27
C GLY A 102 24.65 7.85 0.94
N PHE A 103 23.56 7.72 0.19
CA PHE A 103 22.29 7.32 0.77
C PHE A 103 22.32 5.84 1.13
N ILE A 104 21.66 5.53 2.24
CA ILE A 104 21.59 4.13 2.76
C ILE A 104 20.15 3.64 2.66
N ARG A 105 19.96 2.38 2.29
CA ARG A 105 18.61 1.78 2.19
C ARG A 105 18.05 1.61 3.61
N SER A 106 16.90 2.22 3.87
CA SER A 106 16.27 2.20 5.22
C SER A 106 15.30 1.03 5.36
N PHE A 107 14.13 1.13 4.74
CA PHE A 107 13.12 0.05 4.78
C PHE A 107 12.68 -0.26 3.36
N GLN A 108 12.15 -1.47 3.17
CA GLN A 108 11.68 -1.91 1.85
C GLN A 108 10.32 -2.55 2.08
N VAL A 109 9.32 -2.21 1.27
CA VAL A 109 7.93 -2.76 1.38
C VAL A 109 7.56 -3.42 0.05
N GLU A 110 7.30 -4.72 0.09
CA GLU A 110 6.94 -5.47 -1.10
C GLU A 110 5.47 -5.90 -0.98
N LYS A 111 4.68 -5.56 -1.99
CA LYS A 111 3.23 -5.75 -1.96
C LYS A 111 2.77 -6.39 -3.25
N ILE A 112 1.84 -7.33 -3.12
CA ILE A 112 1.05 -7.85 -4.24
C ILE A 112 -0.40 -7.46 -3.97
N ARG A 113 -0.98 -6.69 -4.89
CA ARG A 113 -2.32 -6.14 -4.71
C ARG A 113 -3.23 -6.59 -5.84
N LYS A 114 -4.45 -6.96 -5.48
CA LYS A 114 -5.49 -7.32 -6.44
C LYS A 114 -6.67 -6.38 -6.25
N ASN A 115 -7.00 -5.62 -7.29
CA ASN A 115 -8.01 -4.58 -7.22
C ASN A 115 -9.31 -5.06 -7.86
N TYR A 116 -10.40 -4.96 -7.10
CA TYR A 116 -11.74 -5.25 -7.58
C TYR A 116 -12.61 -4.01 -7.42
N LYS A 117 -13.68 -3.95 -8.21
CA LYS A 117 -14.54 -2.77 -8.26
C LYS A 117 -15.99 -3.17 -8.07
N TYR A 118 -16.71 -2.39 -7.27
CA TYR A 118 -18.15 -2.53 -7.13
C TYR A 118 -18.72 -1.16 -6.81
N ALA A 119 -19.70 -0.72 -7.59
CA ALA A 119 -20.26 0.64 -7.53
C ALA A 119 -19.08 1.60 -7.70
N ASP A 120 -18.94 2.56 -6.79
CA ASP A 120 -17.79 3.50 -6.86
C ASP A 120 -16.79 3.18 -5.74
N PHE A 121 -16.61 1.89 -5.46
CA PHE A 121 -15.70 1.43 -4.41
C PHE A 121 -14.61 0.55 -5.01
N ILE A 122 -13.37 0.78 -4.60
CA ILE A 122 -12.24 -0.02 -5.04
C ILE A 122 -11.77 -0.85 -3.85
N ILE A 123 -11.73 -2.17 -4.05
CA ILE A 123 -11.36 -3.10 -2.99
C ILE A 123 -10.01 -3.71 -3.36
N SER A 124 -9.03 -3.50 -2.49
CA SER A 124 -7.66 -3.94 -2.72
C SER A 124 -7.33 -5.08 -1.75
N LEU A 125 -7.10 -6.27 -2.28
CA LEU A 125 -6.63 -7.40 -1.50
C LEU A 125 -5.11 -7.36 -1.49
N ASP A 126 -4.53 -7.03 -0.33
CA ASP A 126 -3.10 -6.76 -0.22
C ASP A 126 -2.40 -7.86 0.55
N SER A 127 -1.35 -8.43 -0.05
CA SER A 127 -0.47 -9.39 0.61
C SER A 127 0.88 -8.70 0.76
N ILE A 128 1.26 -8.41 2.00
CA ILE A 128 2.48 -7.67 2.31
C ILE A 128 3.49 -8.65 2.90
N LYS A 129 4.66 -8.73 2.29
CA LYS A 129 5.73 -9.54 2.83
C LYS A 129 6.08 -9.08 4.24
N GLU A 130 6.36 -10.05 5.12
CA GLU A 130 6.71 -9.82 6.52
C GLU A 130 5.54 -9.30 7.36
N LEU A 131 4.47 -8.87 6.70
CA LEU A 131 3.35 -8.24 7.44
C LEU A 131 2.08 -9.09 7.41
N GLY A 132 1.71 -9.64 6.27
CA GLY A 132 0.53 -10.47 6.18
C GLY A 132 -0.49 -9.91 5.20
N GLU A 133 -1.75 -10.23 5.45
CA GLU A 133 -2.85 -9.95 4.52
C GLU A 133 -3.67 -8.77 5.02
N PHE A 134 -4.00 -7.87 4.11
CA PHE A 134 -4.79 -6.68 4.41
C PHE A 134 -5.84 -6.48 3.33
N ILE A 135 -6.85 -5.70 3.67
CA ILE A 135 -7.84 -5.22 2.70
C ILE A 135 -7.96 -3.72 2.86
N GLU A 136 -7.82 -2.99 1.75
CA GLU A 136 -8.00 -1.55 1.73
C GLU A 136 -9.14 -1.21 0.78
N ILE A 137 -10.12 -0.47 1.28
CA ILE A 137 -11.31 -0.11 0.53
C ILE A 137 -11.36 1.40 0.38
N GLU A 138 -11.55 1.86 -0.86
CA GLU A 138 -11.55 3.28 -1.19
C GLU A 138 -12.87 3.66 -1.84
N GLY A 139 -13.35 4.85 -1.53
CA GLY A 139 -14.57 5.37 -2.16
C GLY A 139 -14.19 6.47 -3.13
N ILE A 140 -14.65 6.41 -4.38
CA ILE A 140 -14.24 7.48 -5.33
C ILE A 140 -14.85 8.83 -4.93
N ASN A 141 -16.15 8.89 -4.71
CA ASN A 141 -16.78 10.18 -4.31
C ASN A 141 -17.88 9.83 -3.32
N LYS A 142 -17.45 9.37 -2.15
CA LYS A 142 -18.44 8.94 -1.14
C LYS A 142 -18.15 9.67 0.16
N THR A 143 -19.16 9.73 1.02
CA THR A 143 -18.97 10.33 2.34
C THR A 143 -18.27 9.30 3.22
N GLU A 144 -17.46 9.77 4.16
CA GLU A 144 -16.91 8.86 5.21
C GLU A 144 -17.98 7.91 5.74
N LYS A 145 -19.22 8.38 5.90
CA LYS A 145 -20.39 7.58 6.34
C LYS A 145 -20.76 6.57 5.25
N GLU A 146 -20.69 6.99 4.00
CA GLU A 146 -21.05 6.07 2.90
C GLU A 146 -19.99 4.96 2.81
N LEU A 147 -18.72 5.32 2.98
CA LEU A 147 -17.57 4.38 2.95
C LEU A 147 -17.73 3.39 4.11
N ILE A 148 -18.09 3.90 5.28
CA ILE A 148 -18.22 3.07 6.52
C ILE A 148 -19.35 2.05 6.36
N SER A 149 -20.48 2.47 5.83
CA SER A 149 -21.58 1.55 5.63
C SER A 149 -21.23 0.42 4.66
N PHE A 150 -20.47 0.74 3.62
CA PHE A 150 -20.03 -0.29 2.68
C PHE A 150 -19.07 -1.26 3.34
N VAL A 151 -18.12 -0.75 4.12
CA VAL A 151 -17.16 -1.61 4.80
C VAL A 151 -17.87 -2.49 5.83
N ASP A 152 -18.85 -1.93 6.53
CA ASP A 152 -19.61 -2.70 7.51
C ASP A 152 -20.31 -3.88 6.85
N GLU A 153 -20.97 -3.64 5.72
CA GLU A 153 -21.68 -4.73 5.03
C GLU A 153 -20.70 -5.70 4.39
N PHE A 154 -19.62 -5.19 3.79
CA PHE A 154 -18.62 -6.08 3.19
C PHE A 154 -18.04 -7.02 4.24
N VAL A 155 -17.67 -6.47 5.39
CA VAL A 155 -17.07 -7.28 6.49
C VAL A 155 -18.12 -8.24 7.02
N LYS A 156 -19.37 -7.83 7.06
CA LYS A 156 -20.43 -8.72 7.53
C LYS A 156 -20.70 -9.81 6.51
N LYS A 157 -20.81 -9.44 5.23
CA LYS A 157 -21.21 -10.39 4.20
C LYS A 157 -20.22 -11.53 4.04
N HIS A 158 -18.94 -11.28 4.35
CA HIS A 158 -17.90 -12.27 4.17
C HIS A 158 -17.35 -12.80 5.49
N GLN A 159 -18.00 -12.46 6.61
CA GLN A 159 -17.62 -12.96 7.94
C GLN A 159 -16.13 -12.74 8.20
N ILE A 160 -15.68 -11.51 7.95
CA ILE A 160 -14.28 -11.16 8.09
C ILE A 160 -14.00 -10.74 9.52
N GLN A 161 -12.99 -11.37 10.14
CA GLN A 161 -12.43 -10.89 11.39
C GLN A 161 -11.21 -10.04 11.07
N TYR A 162 -11.22 -8.81 11.54
CA TYR A 162 -10.31 -7.78 11.05
C TYR A 162 -9.64 -7.05 12.22
N GLU A 163 -8.67 -6.22 11.87
CA GLU A 163 -8.15 -5.21 12.78
C GLU A 163 -7.94 -3.93 11.98
N LYS A 164 -8.70 -2.91 12.31
CA LYS A 164 -8.66 -1.64 11.55
C LYS A 164 -7.43 -0.83 11.94
N THR A 165 -6.74 -0.25 10.96
CA THR A 165 -5.55 0.58 11.12
C THR A 165 -5.55 1.71 10.09
N ILE A 166 -5.05 2.86 10.50
CA ILE A 166 -4.79 3.95 9.56
C ILE A 166 -3.32 4.06 9.20
N LYS A 167 -2.48 3.19 9.75
CA LYS A 167 -1.04 3.27 9.50
C LYS A 167 -0.71 2.80 8.09
N SER A 168 0.26 3.47 7.48
CA SER A 168 0.76 3.03 6.19
C SER A 168 1.54 1.73 6.35
N TYR A 169 1.85 1.10 5.22
CA TYR A 169 2.57 -0.17 5.27
C TYR A 169 4.02 0.03 5.73
N LEU A 170 4.58 1.20 5.47
CA LEU A 170 5.94 1.49 5.98
C LEU A 170 5.85 1.65 7.50
N GLU A 171 4.82 2.36 7.98
CA GLU A 171 4.62 2.56 9.44
C GLU A 171 4.40 1.19 10.09
N LEU A 172 3.62 0.32 9.45
CA LEU A 172 3.35 -1.02 10.01
C LEU A 172 4.64 -1.84 10.01
N LEU A 173 5.48 -1.66 8.99
CA LEU A 173 6.78 -2.39 8.91
C LEU A 173 7.69 -1.90 10.03
N VAL A 174 7.75 -0.58 10.21
CA VAL A 174 8.59 0.02 11.26
C VAL A 174 8.08 -0.48 12.61
N GLU A 175 6.75 -0.47 12.79
CA GLU A 175 6.13 -0.97 14.05
C GLU A 175 6.44 -2.46 14.20
N HIS A 176 6.45 -3.20 13.08
CA HIS A 176 6.74 -4.62 13.17
C HIS A 176 8.18 -4.88 13.56
N ALA A 177 9.11 -4.02 13.14
CA ALA A 177 10.51 -4.17 13.50
C ALA A 177 10.77 -3.63 14.90
S CXS B . 12.06 -5.48 -8.78
O1 CXS B . 13.16 -6.24 -9.26
O2 CXS B . 12.38 -3.89 -8.96
O3 CXS B . 11.85 -5.77 -7.40
C1 CXS B . 10.69 -5.86 -9.64
C2 CXS B . 10.27 -7.31 -9.36
C3 CXS B . 9.02 -7.66 -10.14
N CXS B . 8.51 -8.98 -9.81
C4 CXS B . 7.42 -9.54 -10.57
C5 CXS B . 7.79 -9.65 -12.04
C6 CXS B . 6.64 -10.19 -12.86
C7 CXS B . 6.21 -11.56 -12.33
C8 CXS B . 5.90 -11.51 -10.84
C9 CXS B . 7.08 -10.93 -10.06
S SO4 C . 0.52 6.53 -2.94
O1 SO4 C . 1.47 7.13 -3.82
O2 SO4 C . -0.32 7.56 -2.45
O3 SO4 C . -0.24 5.57 -3.64
O4 SO4 C . 1.19 5.92 -1.84
S SO4 D . 2.36 2.62 2.03
O1 SO4 D . 2.38 3.95 1.64
O2 SO4 D . 1.07 2.33 2.51
O3 SO4 D . 2.64 1.84 0.93
O4 SO4 D . 3.36 2.42 2.98
#